data_4ROE
#
_entry.id   4ROE
#
_cell.length_a   77.741
_cell.length_b   91.926
_cell.length_c   102.423
_cell.angle_alpha   90.00
_cell.angle_beta   90.00
_cell.angle_gamma   90.00
#
_symmetry.space_group_name_H-M   'P 21 21 21'
#
loop_
_entity.id
_entity.type
_entity.pdbx_description
1 polymer 'Transcription factor IIIB 50 kDa subunit'
2 polymer 'TATA-box-binding protein'
3 polymer 'Template strand'
4 polymer 'Non-template strand'
5 non-polymer 'MAGNESIUM ION'
6 water water
#
loop_
_entity_poly.entity_id
_entity_poly.type
_entity_poly.pdbx_seq_one_letter_code
_entity_poly.pdbx_strand_id
1 'polypeptide(L)'
;GPNEQVSRSQQRGLRRVRDLCRVLQLPPTFEDTAVAYYQQAYRHSGIRAARLQKKEVLVGCCVLITCRQHNWPLTMGAIC
TLLYADLDVFSSTYMQIVKLLGLDVPSLCLAELVKTYCSSFKLFQASPSVPAKYVEDKEKMLSRTMQLVELANETWLVTG
RHPLPVITAATFLAWQSLQPADRLSCSLARFCKLANVDLPYPASSRLQELLAVLLRMAEQLAWLRVLRLDKRSVVKHIGD
LLQHRQSLVRSAFRDGTAEVETREKEPPGWGQGQGEGEVGNNSLGLPQGKRPASPALLLPPCMLKSPKRICPVPPVSTVT
GDENISDSEIEQYLRTPQEVRDFQRAQAARQAATSVPNPP
;
A
2 'polypeptide(L)'
;GPSGIVPQLQNIVSTVNLGCKLDLKTIALRARNAEYNPKRFAAVIMRIREPRTTALIFSSGKMVCTGAKSEEQSRLAARK
YARVVQKLGFPAKFLDFKIQNMVGSCDVKFPIRLEGLVLTHQQFSSYEPELFPGLIYRMIKPRIVLLIFVSGKVVLTGAK
VRAEIYEAFENIYPILKGFRKTT
;
B
3 'polydeoxyribonucleotide'
;(DC)(DT)(DC)(DA)(DT)(DA)(DC)(DA)(DG)(DA)(DA)(DC)(DT)(DT)(DA)(DT)(DA)(DA)(DG)(DA)
(DT)(DT)(DC)(DC)(DC)(DA)(DA)(DA)
;
N
4 'polydeoxyribonucleotide'
;(DT)(DT)(DT)(DG)(DG)(DG)(DA)(DA)(DT)(DC)(DT)(DT)(DA)(DT)(DA)(DA)(DG)(DT)(DT)(DC)
(DT)(DG)(DT)(DA)(DT)(DG)(DA)(DG)
;
T
#
loop_
_chem_comp.id
_chem_comp.type
_chem_comp.name
_chem_comp.formula
DA DNA linking 2'-DEOXYADENOSINE-5'-MONOPHOSPHATE 'C10 H14 N5 O6 P'
DC DNA linking 2'-DEOXYCYTIDINE-5'-MONOPHOSPHATE 'C9 H14 N3 O7 P'
DG DNA linking 2'-DEOXYGUANOSINE-5'-MONOPHOSPHATE 'C10 H14 N5 O7 P'
DT DNA linking THYMIDINE-5'-MONOPHOSPHATE 'C10 H15 N2 O8 P'
MG non-polymer 'MAGNESIUM ION' 'Mg 2'
#
# COMPACT_ATOMS: atom_id res chain seq x y z
N GLN A 5 -9.12 -25.71 -31.66
CA GLN A 5 -8.19 -24.60 -31.90
C GLN A 5 -7.81 -23.90 -30.60
N VAL A 6 -8.67 -23.99 -29.56
CA VAL A 6 -8.42 -23.44 -28.22
C VAL A 6 -7.26 -24.21 -27.61
N SER A 7 -6.30 -23.49 -27.01
CA SER A 7 -5.10 -24.05 -26.37
C SER A 7 -5.46 -25.00 -25.21
N ARG A 8 -4.50 -25.83 -24.78
CA ARG A 8 -4.68 -26.77 -23.67
C ARG A 8 -4.65 -26.03 -22.33
N SER A 9 -3.63 -25.15 -22.12
CA SER A 9 -3.48 -24.32 -20.92
C SER A 9 -4.70 -23.39 -20.72
N GLN A 10 -5.39 -23.04 -21.85
CA GLN A 10 -6.59 -22.22 -21.83
C GLN A 10 -7.78 -23.07 -21.37
N GLN A 11 -7.94 -24.29 -21.93
CA GLN A 11 -9.00 -25.25 -21.58
C GLN A 11 -8.98 -25.58 -20.10
N ARG A 12 -7.76 -25.84 -19.57
CA ARG A 12 -7.48 -26.13 -18.15
C ARG A 12 -7.86 -24.92 -17.29
N GLY A 13 -7.59 -23.70 -17.79
CA GLY A 13 -7.89 -22.43 -17.14
C GLY A 13 -9.38 -22.18 -17.01
N LEU A 14 -10.13 -22.39 -18.11
CA LEU A 14 -11.59 -22.24 -18.20
C LEU A 14 -12.31 -23.26 -17.29
N ARG A 15 -11.77 -24.48 -17.19
CA ARG A 15 -12.29 -25.55 -16.34
C ARG A 15 -12.11 -25.18 -14.87
N ARG A 16 -10.93 -24.60 -14.54
CA ARG A 16 -10.56 -24.15 -13.19
C ARG A 16 -11.46 -23.01 -12.73
N VAL A 17 -11.86 -22.11 -13.66
CA VAL A 17 -12.74 -20.97 -13.43
C VAL A 17 -14.12 -21.50 -12.98
N ARG A 18 -14.67 -22.48 -13.72
CA ARG A 18 -15.98 -23.09 -13.47
C ARG A 18 -16.00 -23.81 -12.11
N ASP A 19 -14.91 -24.52 -11.78
CA ASP A 19 -14.79 -25.25 -10.52
C ASP A 19 -14.72 -24.32 -9.32
N LEU A 20 -14.00 -23.18 -9.45
CA LEU A 20 -13.89 -22.19 -8.39
C LEU A 20 -15.26 -21.55 -8.10
N CYS A 21 -16.04 -21.22 -9.16
CA CYS A 21 -17.39 -20.67 -9.09
C CYS A 21 -18.34 -21.62 -8.32
N ARG A 22 -18.24 -22.93 -8.62
CA ARG A 22 -19.06 -24.01 -8.04
C ARG A 22 -18.74 -24.23 -6.56
N VAL A 23 -17.44 -24.23 -6.20
CA VAL A 23 -16.92 -24.38 -4.84
C VAL A 23 -17.39 -23.17 -3.99
N LEU A 24 -17.37 -21.96 -4.58
CA LEU A 24 -17.79 -20.73 -3.92
C LEU A 24 -19.32 -20.61 -3.81
N GLN A 25 -20.08 -21.53 -4.46
CA GLN A 25 -21.55 -21.61 -4.47
C GLN A 25 -22.16 -20.28 -4.95
N LEU A 26 -21.58 -19.75 -6.05
CA LEU A 26 -22.00 -18.51 -6.68
C LEU A 26 -23.24 -18.72 -7.49
N PRO A 27 -24.15 -17.72 -7.62
CA PRO A 27 -25.33 -17.89 -8.49
C PRO A 27 -24.94 -18.33 -9.93
N PRO A 28 -25.82 -19.09 -10.64
CA PRO A 28 -25.44 -19.72 -11.93
C PRO A 28 -24.88 -18.80 -13.05
N THR A 29 -25.33 -17.54 -13.11
CA THR A 29 -24.93 -16.57 -14.15
C THR A 29 -23.46 -16.12 -14.06
N PHE A 30 -22.84 -16.19 -12.86
CA PHE A 30 -21.45 -15.74 -12.60
C PHE A 30 -20.40 -16.55 -13.35
N GLU A 31 -20.59 -17.88 -13.44
CA GLU A 31 -19.67 -18.80 -14.12
C GLU A 31 -19.38 -18.36 -15.58
N ASP A 32 -20.44 -18.03 -16.35
CA ASP A 32 -20.39 -17.61 -17.76
C ASP A 32 -19.64 -16.28 -17.95
N THR A 33 -19.84 -15.32 -17.02
CA THR A 33 -19.21 -14.00 -17.04
C THR A 33 -17.69 -14.15 -16.80
N ALA A 34 -17.31 -14.97 -15.79
CA ALA A 34 -15.92 -15.22 -15.40
C ALA A 34 -15.14 -15.95 -16.49
N VAL A 35 -15.81 -16.91 -17.19
CA VAL A 35 -15.25 -17.71 -18.29
C VAL A 35 -14.95 -16.77 -19.47
N ALA A 36 -15.89 -15.85 -19.78
CA ALA A 36 -15.78 -14.85 -20.84
C ALA A 36 -14.60 -13.92 -20.58
N TYR A 37 -14.37 -13.50 -19.30
CA TYR A 37 -13.26 -12.62 -18.91
C TYR A 37 -11.90 -13.31 -19.10
N TYR A 38 -11.78 -14.60 -18.72
CA TYR A 38 -10.55 -15.41 -18.90
C TYR A 38 -10.21 -15.53 -20.39
N GLN A 39 -11.23 -15.73 -21.25
CA GLN A 39 -11.10 -15.82 -22.73
C GLN A 39 -10.60 -14.48 -23.30
N GLN A 40 -11.21 -13.36 -22.84
CA GLN A 40 -10.88 -11.98 -23.21
C GLN A 40 -9.43 -11.65 -22.78
N ALA A 41 -9.03 -12.17 -21.60
CA ALA A 41 -7.69 -12.03 -21.02
C ALA A 41 -6.64 -12.77 -21.85
N TYR A 42 -6.93 -14.02 -22.25
CA TYR A 42 -6.04 -14.90 -23.03
C TYR A 42 -5.71 -14.33 -24.43
N ARG A 43 -6.49 -13.36 -24.94
CA ARG A 43 -6.23 -12.74 -26.24
C ARG A 43 -4.99 -11.83 -26.21
N HIS A 44 -4.56 -11.39 -25.02
CA HIS A 44 -3.37 -10.56 -24.84
C HIS A 44 -2.12 -11.45 -24.67
N SER A 45 -1.03 -11.08 -25.36
CA SER A 45 0.27 -11.79 -25.41
C SER A 45 0.92 -11.98 -24.02
N GLY A 46 0.90 -10.95 -23.17
CA GLY A 46 1.47 -10.98 -21.83
C GLY A 46 0.81 -11.98 -20.88
N ILE A 47 -0.47 -12.31 -21.14
CA ILE A 47 -1.28 -13.27 -20.38
C ILE A 47 -1.07 -14.68 -20.96
N ARG A 48 -1.17 -14.82 -22.28
CA ARG A 48 -0.95 -16.07 -23.02
C ARG A 48 0.37 -16.72 -22.62
N ALA A 49 1.43 -15.88 -22.56
CA ALA A 49 2.80 -16.23 -22.23
C ALA A 49 3.11 -16.09 -20.71
N ALA A 50 2.06 -16.05 -19.87
CA ALA A 50 2.21 -15.92 -18.41
C ALA A 50 2.84 -17.16 -17.80
N ARG A 51 3.53 -16.97 -16.68
CA ARG A 51 4.18 -18.07 -15.97
C ARG A 51 3.23 -18.80 -15.04
N LEU A 52 3.63 -20.01 -14.62
CA LEU A 52 2.91 -20.99 -13.81
C LEU A 52 2.01 -20.41 -12.69
N GLN A 53 2.54 -19.49 -11.88
CA GLN A 53 1.82 -18.91 -10.74
C GLN A 53 0.82 -17.84 -11.15
N LYS A 54 1.15 -17.03 -12.17
CA LYS A 54 0.28 -15.97 -12.70
C LYS A 54 -0.94 -16.57 -13.42
N LYS A 55 -0.76 -17.74 -14.08
CA LYS A 55 -1.80 -18.48 -14.78
C LYS A 55 -2.84 -19.02 -13.82
N GLU A 56 -2.40 -19.42 -12.61
CA GLU A 56 -3.24 -19.97 -11.54
C GLU A 56 -4.05 -18.89 -10.85
N VAL A 57 -3.43 -17.73 -10.55
CA VAL A 57 -4.14 -16.63 -9.90
C VAL A 57 -5.09 -15.91 -10.87
N LEU A 58 -4.84 -16.02 -12.20
CA LEU A 58 -5.65 -15.39 -13.24
C LEU A 58 -7.11 -15.87 -13.18
N VAL A 59 -7.30 -17.16 -12.85
CA VAL A 59 -8.59 -17.85 -12.65
C VAL A 59 -9.39 -17.13 -11.54
N GLY A 60 -8.73 -16.89 -10.40
CA GLY A 60 -9.28 -16.22 -9.23
C GLY A 60 -9.66 -14.78 -9.49
N CYS A 61 -8.83 -14.08 -10.28
CA CYS A 61 -8.99 -12.68 -10.70
C CYS A 61 -10.28 -12.49 -11.45
N CYS A 62 -10.52 -13.36 -12.45
CA CYS A 62 -11.69 -13.36 -13.32
C CYS A 62 -12.96 -13.65 -12.53
N VAL A 63 -12.90 -14.52 -11.49
CA VAL A 63 -14.01 -14.84 -10.61
C VAL A 63 -14.27 -13.63 -9.68
N LEU A 64 -13.19 -13.01 -9.13
CA LEU A 64 -13.31 -11.85 -8.22
C LEU A 64 -13.89 -10.63 -8.97
N ILE A 65 -13.43 -10.32 -10.20
CA ILE A 65 -13.98 -9.20 -11.01
C ILE A 65 -15.50 -9.37 -11.16
N THR A 66 -15.95 -10.60 -11.52
CA THR A 66 -17.35 -10.98 -11.71
C THR A 66 -18.13 -10.75 -10.42
N CYS A 67 -17.57 -11.16 -9.27
CA CYS A 67 -18.16 -11.02 -7.93
C CYS A 67 -18.30 -9.57 -7.55
N ARG A 68 -17.25 -8.77 -7.79
CA ARG A 68 -17.26 -7.34 -7.50
C ARG A 68 -18.36 -6.60 -8.28
N GLN A 69 -18.61 -7.01 -9.53
CA GLN A 69 -19.64 -6.37 -10.36
C GLN A 69 -21.05 -6.69 -9.84
N HIS A 70 -21.21 -7.83 -9.17
CA HIS A 70 -22.49 -8.26 -8.62
C HIS A 70 -22.62 -8.02 -7.12
N ASN A 71 -21.62 -7.34 -6.52
CA ASN A 71 -21.55 -6.96 -5.11
C ASN A 71 -21.45 -8.19 -4.18
N TRP A 72 -20.92 -9.32 -4.72
CA TRP A 72 -20.71 -10.56 -3.98
C TRP A 72 -19.48 -10.32 -3.10
N PRO A 73 -19.66 -10.39 -1.76
CA PRO A 73 -18.62 -9.94 -0.83
C PRO A 73 -17.44 -10.89 -0.62
N LEU A 74 -16.81 -11.26 -1.72
CA LEU A 74 -15.63 -12.11 -1.72
C LEU A 74 -14.41 -11.20 -1.61
N THR A 75 -13.64 -11.35 -0.53
CA THR A 75 -12.42 -10.58 -0.33
C THR A 75 -11.27 -11.27 -1.06
N MET A 76 -10.20 -10.50 -1.33
CA MET A 76 -8.99 -10.99 -1.97
C MET A 76 -8.28 -12.00 -1.11
N GLY A 77 -8.25 -11.75 0.19
CA GLY A 77 -7.65 -12.68 1.13
C GLY A 77 -8.38 -14.00 1.19
N ALA A 78 -9.73 -13.96 1.14
CA ALA A 78 -10.56 -15.18 1.16
C ALA A 78 -10.34 -16.02 -0.11
N ILE A 79 -10.31 -15.37 -1.31
CA ILE A 79 -10.07 -16.08 -2.58
C ILE A 79 -8.63 -16.69 -2.61
N CYS A 80 -7.63 -15.97 -2.05
CA CYS A 80 -6.23 -16.43 -1.95
C CYS A 80 -6.07 -17.62 -1.00
N THR A 81 -6.86 -17.67 0.09
CA THR A 81 -6.90 -18.77 1.08
C THR A 81 -7.41 -20.03 0.36
N LEU A 82 -8.52 -19.90 -0.40
CA LEU A 82 -9.14 -20.99 -1.16
C LEU A 82 -8.23 -21.57 -2.22
N LEU A 83 -7.53 -20.70 -2.93
CA LEU A 83 -6.68 -21.08 -4.05
C LEU A 83 -5.27 -21.45 -3.62
N TYR A 84 -4.92 -21.22 -2.32
CA TYR A 84 -3.58 -21.44 -1.74
C TYR A 84 -2.59 -20.60 -2.56
N ALA A 85 -3.01 -19.37 -2.87
CA ALA A 85 -2.26 -18.43 -3.69
C ALA A 85 -1.57 -17.36 -2.86
N ASP A 86 -0.48 -16.81 -3.42
CA ASP A 86 0.26 -15.71 -2.80
C ASP A 86 -0.52 -14.44 -3.10
N LEU A 87 -0.89 -13.70 -2.05
CA LEU A 87 -1.70 -12.50 -2.15
C LEU A 87 -1.09 -11.49 -3.11
N ASP A 88 0.24 -11.28 -3.04
CA ASP A 88 1.00 -10.34 -3.87
C ASP A 88 0.97 -10.69 -5.36
N VAL A 89 1.00 -11.99 -5.70
CA VAL A 89 0.97 -12.48 -7.07
C VAL A 89 -0.45 -12.27 -7.60
N PHE A 90 -1.46 -12.49 -6.71
CA PHE A 90 -2.86 -12.27 -7.01
C PHE A 90 -3.11 -10.78 -7.22
N SER A 91 -2.53 -9.93 -6.35
CA SER A 91 -2.57 -8.46 -6.32
C SER A 91 -2.10 -7.85 -7.65
N SER A 92 -0.88 -8.22 -8.12
CA SER A 92 -0.32 -7.69 -9.36
C SER A 92 -1.10 -8.19 -10.61
N THR A 93 -1.57 -9.46 -10.59
CA THR A 93 -2.30 -10.06 -11.71
C THR A 93 -3.68 -9.40 -11.84
N TYR A 94 -4.35 -9.12 -10.70
CA TYR A 94 -5.66 -8.47 -10.64
C TYR A 94 -5.58 -7.05 -11.22
N MET A 95 -4.64 -6.22 -10.73
CA MET A 95 -4.39 -4.86 -11.18
C MET A 95 -4.08 -4.81 -12.70
N GLN A 96 -3.28 -5.77 -13.20
CA GLN A 96 -2.88 -5.89 -14.60
C GLN A 96 -4.08 -6.21 -15.51
N ILE A 97 -4.88 -7.23 -15.16
CA ILE A 97 -6.02 -7.68 -15.96
C ILE A 97 -7.18 -6.65 -16.01
N VAL A 98 -7.41 -5.85 -14.92
CA VAL A 98 -8.46 -4.81 -14.87
C VAL A 98 -8.08 -3.69 -15.86
N LYS A 99 -6.79 -3.30 -15.85
CA LYS A 99 -6.15 -2.28 -16.68
C LYS A 99 -6.23 -2.73 -18.16
N LEU A 100 -5.91 -4.01 -18.40
CA LEU A 100 -5.89 -4.68 -19.69
C LEU A 100 -7.26 -4.73 -20.36
N LEU A 101 -8.30 -5.19 -19.64
CA LEU A 101 -9.66 -5.34 -20.16
C LEU A 101 -10.47 -4.00 -20.15
N GLY A 102 -9.84 -2.92 -19.67
CA GLY A 102 -10.43 -1.60 -19.60
C GLY A 102 -11.72 -1.52 -18.81
N LEU A 103 -11.77 -2.24 -17.68
CA LEU A 103 -12.94 -2.32 -16.82
C LEU A 103 -12.89 -1.38 -15.65
N ASP A 104 -14.08 -0.95 -15.24
CA ASP A 104 -14.32 -0.17 -14.05
C ASP A 104 -14.90 -1.17 -13.09
N VAL A 105 -14.10 -1.66 -12.16
CA VAL A 105 -14.56 -2.68 -11.22
C VAL A 105 -15.08 -2.01 -9.94
N PRO A 106 -16.33 -2.32 -9.54
CA PRO A 106 -16.84 -1.73 -8.31
C PRO A 106 -16.01 -2.18 -7.11
N SER A 107 -15.96 -1.33 -6.10
CA SER A 107 -15.25 -1.60 -4.86
C SER A 107 -15.97 -2.75 -4.10
N LEU A 108 -15.31 -3.34 -3.11
CA LEU A 108 -15.92 -4.38 -2.28
C LEU A 108 -17.16 -3.80 -1.59
N CYS A 109 -18.29 -4.52 -1.64
CA CYS A 109 -19.50 -4.05 -0.98
C CYS A 109 -19.46 -4.42 0.49
N LEU A 110 -19.25 -3.41 1.35
CA LEU A 110 -19.13 -3.56 2.80
C LEU A 110 -20.41 -4.08 3.46
N ALA A 111 -21.57 -3.58 3.02
CA ALA A 111 -22.86 -3.98 3.57
C ALA A 111 -23.08 -5.48 3.35
N GLU A 112 -22.73 -5.97 2.15
CA GLU A 112 -22.85 -7.39 1.81
C GLU A 112 -21.88 -8.23 2.62
N LEU A 113 -20.67 -7.72 2.90
CA LEU A 113 -19.65 -8.38 3.72
C LEU A 113 -20.10 -8.47 5.18
N VAL A 114 -20.75 -7.42 5.72
CA VAL A 114 -21.29 -7.43 7.08
C VAL A 114 -22.31 -8.58 7.20
N LYS A 115 -23.30 -8.63 6.29
CA LYS A 115 -24.31 -9.71 6.26
C LYS A 115 -23.65 -11.09 6.25
N THR A 116 -22.72 -11.33 5.32
CA THR A 116 -22.07 -12.65 5.19
C THR A 116 -21.19 -12.98 6.40
N TYR A 117 -20.19 -12.12 6.69
CA TYR A 117 -19.22 -12.33 7.77
C TYR A 117 -19.89 -12.50 9.15
N CYS A 118 -20.83 -11.59 9.48
N CYS A 118 -20.84 -11.63 9.51
CA CYS A 118 -21.60 -11.51 10.73
CA CYS A 118 -21.49 -11.72 10.82
C CYS A 118 -22.47 -12.77 10.91
C CYS A 118 -22.44 -12.89 10.94
N SER A 119 -23.00 -13.37 9.81
CA SER A 119 -23.86 -14.58 9.84
C SER A 119 -23.06 -15.85 10.18
N SER A 120 -21.72 -15.84 9.90
CA SER A 120 -20.78 -16.93 10.15
C SER A 120 -20.38 -17.01 11.62
N PHE A 121 -20.57 -15.91 12.40
CA PHE A 121 -20.30 -15.86 13.84
C PHE A 121 -21.26 -16.83 14.53
N LYS A 122 -20.75 -17.89 15.17
CA LYS A 122 -21.51 -18.95 15.84
C LYS A 122 -22.04 -18.53 17.26
N LEU A 123 -22.90 -17.50 17.31
CA LEU A 123 -23.40 -16.92 18.56
C LEU A 123 -24.91 -16.95 18.68
N PHE A 124 -25.60 -17.64 17.78
CA PHE A 124 -27.07 -17.60 17.74
C PHE A 124 -27.71 -18.78 18.41
N GLN A 125 -26.86 -19.68 18.95
CA GLN A 125 -27.28 -20.86 19.70
C GLN A 125 -26.24 -21.16 20.80
N ALA A 126 -26.73 -21.58 21.97
CA ALA A 126 -25.92 -21.97 23.12
C ALA A 126 -25.24 -23.33 22.84
N SER A 127 -24.00 -23.49 23.27
CA SER A 127 -23.18 -24.69 23.09
C SER A 127 -22.14 -24.75 24.20
N PRO A 128 -21.34 -25.84 24.36
CA PRO A 128 -20.30 -25.83 25.40
C PRO A 128 -19.36 -24.60 25.33
N SER A 129 -19.08 -24.08 24.14
CA SER A 129 -18.18 -22.95 23.93
C SER A 129 -18.92 -21.61 23.94
N VAL A 130 -20.27 -21.63 23.80
CA VAL A 130 -21.11 -20.42 23.82
C VAL A 130 -22.16 -20.52 24.96
N PRO A 131 -21.89 -19.89 26.14
CA PRO A 131 -22.88 -19.90 27.23
C PRO A 131 -24.14 -19.13 26.81
N ALA A 132 -25.31 -19.53 27.34
CA ALA A 132 -26.62 -18.92 27.03
C ALA A 132 -26.63 -17.37 27.16
N LYS A 133 -25.91 -16.80 28.16
CA LYS A 133 -25.82 -15.34 28.38
C LYS A 133 -25.13 -14.60 27.22
N TYR A 134 -24.35 -15.34 26.38
CA TYR A 134 -23.61 -14.75 25.26
C TYR A 134 -24.32 -14.92 23.92
N VAL A 135 -25.44 -15.63 23.93
CA VAL A 135 -26.22 -15.87 22.72
C VAL A 135 -26.91 -14.56 22.33
N GLU A 136 -26.83 -14.21 21.07
CA GLU A 136 -27.47 -13.01 20.61
C GLU A 136 -28.38 -13.30 19.41
N ASP A 137 -29.41 -12.49 19.25
CA ASP A 137 -30.32 -12.55 18.12
C ASP A 137 -29.56 -12.08 16.85
N LYS A 138 -29.62 -12.87 15.80
CA LYS A 138 -28.96 -12.66 14.52
C LYS A 138 -29.35 -11.33 13.89
N GLU A 139 -30.66 -11.01 13.81
CA GLU A 139 -31.13 -9.76 13.19
C GLU A 139 -30.71 -8.54 13.99
N LYS A 140 -30.78 -8.58 15.34
CA LYS A 140 -30.38 -7.48 16.20
C LYS A 140 -28.89 -7.22 16.03
N MET A 141 -28.08 -8.28 15.94
CA MET A 141 -26.63 -8.24 15.70
C MET A 141 -26.28 -7.56 14.40
N LEU A 142 -26.84 -8.05 13.26
CA LEU A 142 -26.62 -7.53 11.92
C LEU A 142 -26.98 -6.07 11.83
N SER A 143 -28.18 -5.69 12.34
CA SER A 143 -28.68 -4.32 12.30
C SER A 143 -27.74 -3.38 13.06
N ARG A 144 -27.30 -3.74 14.28
CA ARG A 144 -26.41 -2.86 15.07
C ARG A 144 -25.01 -2.77 14.43
N THR A 145 -24.43 -3.91 13.95
CA THR A 145 -23.10 -3.98 13.32
C THR A 145 -23.07 -3.08 12.08
N MET A 146 -24.11 -3.16 11.25
CA MET A 146 -24.24 -2.33 10.05
C MET A 146 -24.22 -0.83 10.38
N GLN A 147 -24.87 -0.44 11.47
CA GLN A 147 -24.90 0.97 11.90
C GLN A 147 -23.50 1.44 12.36
N LEU A 148 -22.73 0.56 13.06
CA LEU A 148 -21.38 0.85 13.57
C LEU A 148 -20.34 0.90 12.42
N VAL A 149 -20.53 0.08 11.36
CA VAL A 149 -19.66 0.04 10.17
C VAL A 149 -19.89 1.35 9.37
N GLU A 150 -21.17 1.74 9.21
CA GLU A 150 -21.56 3.00 8.57
C GLU A 150 -20.98 4.19 9.38
N LEU A 151 -21.01 4.11 10.73
CA LEU A 151 -20.40 5.14 11.58
C LEU A 151 -18.85 5.19 11.34
N ALA A 152 -18.18 4.01 11.25
CA ALA A 152 -16.74 3.92 11.00
C ALA A 152 -16.36 4.55 9.65
N ASN A 153 -17.18 4.31 8.63
CA ASN A 153 -16.98 4.87 7.30
C ASN A 153 -17.10 6.39 7.29
N GLU A 154 -18.11 6.90 8.01
CA GLU A 154 -18.40 8.32 8.11
C GLU A 154 -17.34 9.07 8.90
N THR A 155 -16.66 8.40 9.86
CA THR A 155 -15.71 9.07 10.76
C THR A 155 -14.25 8.73 10.41
N TRP A 156 -13.99 8.44 9.12
CA TRP A 156 -12.67 8.20 8.52
C TRP A 156 -11.93 6.97 9.05
N LEU A 157 -12.62 5.96 9.57
CA LEU A 157 -11.87 4.80 10.11
C LEU A 157 -11.65 3.69 9.07
N VAL A 158 -12.38 3.75 7.96
CA VAL A 158 -12.39 2.70 6.93
C VAL A 158 -11.37 3.01 5.82
N THR A 159 -11.27 4.27 5.37
CA THR A 159 -10.41 4.71 4.26
C THR A 159 -8.93 4.33 4.45
N GLY A 160 -8.42 3.54 3.51
CA GLY A 160 -7.04 3.08 3.46
C GLY A 160 -6.72 1.89 4.33
N ARG A 161 -7.72 1.34 5.03
CA ARG A 161 -7.52 0.18 5.93
C ARG A 161 -8.12 -1.03 5.31
N HIS A 162 -7.70 -2.20 5.82
CA HIS A 162 -8.32 -3.49 5.53
C HIS A 162 -9.77 -3.42 6.06
N PRO A 163 -10.76 -3.81 5.24
CA PRO A 163 -12.17 -3.69 5.66
C PRO A 163 -12.65 -4.68 6.71
N LEU A 164 -12.23 -5.97 6.66
CA LEU A 164 -12.71 -7.00 7.57
C LEU A 164 -12.43 -6.66 9.07
N PRO A 165 -11.22 -6.19 9.47
CA PRO A 165 -11.01 -5.83 10.89
C PRO A 165 -11.98 -4.77 11.43
N VAL A 166 -12.55 -3.89 10.55
CA VAL A 166 -13.52 -2.88 10.97
C VAL A 166 -14.83 -3.60 11.36
N ILE A 167 -15.21 -4.64 10.57
CA ILE A 167 -16.44 -5.39 10.80
C ILE A 167 -16.26 -6.25 12.06
N THR A 168 -15.07 -6.83 12.27
CA THR A 168 -14.80 -7.57 13.50
C THR A 168 -15.03 -6.67 14.72
N ALA A 169 -14.41 -5.46 14.72
CA ALA A 169 -14.52 -4.52 15.84
C ALA A 169 -15.97 -4.08 16.05
N ALA A 170 -16.69 -3.76 14.96
CA ALA A 170 -18.10 -3.34 14.98
C ALA A 170 -19.03 -4.47 15.46
N THR A 171 -18.81 -5.74 15.05
CA THR A 171 -19.60 -6.91 15.50
C THR A 171 -19.51 -7.10 17.02
N PHE A 172 -18.28 -7.02 17.55
CA PHE A 172 -17.96 -7.15 18.96
C PHE A 172 -18.67 -6.08 19.75
N LEU A 173 -18.59 -4.83 19.28
CA LEU A 173 -19.22 -3.68 19.92
C LEU A 173 -20.74 -3.78 19.85
N ALA A 174 -21.28 -4.30 18.75
CA ALA A 174 -22.71 -4.52 18.60
C ALA A 174 -23.20 -5.54 19.63
N TRP A 175 -22.48 -6.68 19.72
CA TRP A 175 -22.75 -7.79 20.62
C TRP A 175 -22.69 -7.35 22.10
N GLN A 176 -21.56 -6.72 22.51
CA GLN A 176 -21.40 -6.19 23.86
C GLN A 176 -22.52 -5.21 24.26
N SER A 177 -22.86 -4.27 23.38
CA SER A 177 -23.82 -3.20 23.65
C SER A 177 -25.26 -3.69 23.74
N LEU A 178 -25.55 -4.89 23.22
CA LEU A 178 -26.89 -5.44 23.29
C LEU A 178 -27.17 -6.04 24.67
N GLN A 179 -26.12 -6.44 25.41
CA GLN A 179 -26.27 -6.95 26.79
C GLN A 179 -25.02 -6.52 27.57
N PRO A 180 -24.85 -5.20 27.86
CA PRO A 180 -23.56 -4.73 28.44
C PRO A 180 -23.20 -5.21 29.84
N ALA A 181 -24.17 -5.38 30.74
CA ALA A 181 -23.90 -5.80 32.13
C ALA A 181 -23.07 -7.10 32.18
N ASP A 182 -23.34 -8.07 31.29
CA ASP A 182 -22.62 -9.36 31.27
C ASP A 182 -21.53 -9.47 30.17
N ARG A 183 -21.47 -8.56 29.20
CA ARG A 183 -20.54 -8.76 28.10
C ARG A 183 -19.30 -7.85 28.12
N LEU A 184 -19.25 -6.84 29.02
CA LEU A 184 -18.12 -5.94 29.08
C LEU A 184 -16.87 -6.59 29.68
N SER A 185 -17.02 -7.72 30.37
CA SER A 185 -15.90 -8.47 30.96
C SER A 185 -15.23 -9.36 29.90
N CYS A 186 -15.89 -9.58 28.75
CA CYS A 186 -15.39 -10.38 27.65
C CYS A 186 -14.57 -9.49 26.69
N SER A 187 -13.35 -9.95 26.39
CA SER A 187 -12.42 -9.28 25.49
C SER A 187 -12.73 -9.60 24.02
N LEU A 188 -12.15 -8.81 23.11
CA LEU A 188 -12.28 -8.99 21.66
C LEU A 188 -11.74 -10.39 21.27
N ALA A 189 -10.59 -10.82 21.82
CA ALA A 189 -10.00 -12.15 21.58
C ALA A 189 -10.95 -13.27 22.07
N ARG A 190 -11.52 -13.14 23.28
CA ARG A 190 -12.46 -14.14 23.76
C ARG A 190 -13.73 -14.17 22.88
N PHE A 191 -14.24 -13.02 22.47
CA PHE A 191 -15.42 -12.95 21.61
C PHE A 191 -15.24 -13.69 20.27
N CYS A 192 -14.08 -13.48 19.58
CA CYS A 192 -13.76 -14.12 18.31
C CYS A 192 -13.66 -15.62 18.46
N LYS A 193 -13.07 -16.08 19.58
CA LYS A 193 -12.91 -17.49 19.89
C LYS A 193 -14.26 -18.18 20.13
N LEU A 194 -15.19 -17.57 20.87
CA LEU A 194 -16.47 -18.23 21.09
C LEU A 194 -17.34 -18.21 19.80
N ALA A 195 -17.30 -17.07 19.07
CA ALA A 195 -17.94 -16.89 17.77
C ALA A 195 -17.33 -17.79 16.70
N ASN A 196 -16.16 -18.41 17.02
CA ASN A 196 -15.36 -19.32 16.18
C ASN A 196 -14.93 -18.65 14.85
N VAL A 197 -14.29 -17.48 14.97
CA VAL A 197 -13.77 -16.70 13.86
C VAL A 197 -12.33 -16.26 14.23
N ASP A 198 -11.44 -16.17 13.24
CA ASP A 198 -10.07 -15.72 13.51
C ASP A 198 -10.05 -14.23 13.88
N LEU A 199 -9.12 -13.88 14.78
CA LEU A 199 -8.95 -12.50 15.20
C LEU A 199 -8.00 -11.77 14.24
N PRO A 200 -8.52 -10.84 13.38
CA PRO A 200 -7.62 -10.09 12.51
C PRO A 200 -6.75 -9.17 13.35
N TYR A 201 -5.43 -9.10 13.07
CA TYR A 201 -4.48 -8.25 13.77
C TYR A 201 -5.01 -6.76 13.93
N PRO A 202 -5.53 -6.07 12.88
CA PRO A 202 -5.96 -4.67 13.08
C PRO A 202 -7.29 -4.46 13.85
N ALA A 203 -8.05 -5.53 14.17
CA ALA A 203 -9.36 -5.41 14.87
C ALA A 203 -9.27 -4.65 16.19
N SER A 204 -8.19 -4.85 16.99
CA SER A 204 -7.94 -4.14 18.26
C SER A 204 -7.88 -2.61 18.07
N SER A 205 -7.13 -2.14 17.04
CA SER A 205 -6.97 -0.73 16.72
C SER A 205 -8.26 -0.13 16.26
N ARG A 206 -9.00 -0.85 15.42
CA ARG A 206 -10.30 -0.41 14.90
C ARG A 206 -11.28 -0.26 16.03
N LEU A 207 -11.21 -1.17 17.03
CA LEU A 207 -12.07 -1.16 18.20
C LEU A 207 -11.84 0.11 19.03
N GLN A 208 -10.57 0.42 19.32
CA GLN A 208 -10.20 1.59 20.11
C GLN A 208 -10.57 2.88 19.39
N GLU A 209 -10.48 2.92 18.04
CA GLU A 209 -10.86 4.08 17.22
C GLU A 209 -12.38 4.30 17.24
N LEU A 210 -13.14 3.19 17.17
CA LEU A 210 -14.60 3.20 17.18
C LEU A 210 -15.11 3.68 18.56
N LEU A 211 -14.47 3.23 19.67
CA LEU A 211 -14.82 3.64 21.03
C LEU A 211 -14.51 5.12 21.24
N ALA A 212 -13.41 5.61 20.63
CA ALA A 212 -13.00 7.02 20.69
C ALA A 212 -14.01 7.93 19.94
N VAL A 213 -14.54 7.45 18.79
CA VAL A 213 -15.52 8.16 17.99
C VAL A 213 -16.87 8.24 18.78
N LEU A 214 -17.28 7.13 19.39
CA LEU A 214 -18.52 7.03 20.17
C LEU A 214 -18.45 7.96 21.37
N LEU A 215 -17.25 8.17 21.95
CA LEU A 215 -17.05 9.11 23.05
C LEU A 215 -17.19 10.56 22.59
N ARG A 216 -16.70 10.90 21.37
CA ARG A 216 -16.79 12.26 20.83
C ARG A 216 -18.25 12.60 20.56
N MET A 217 -19.02 11.61 20.09
CA MET A 217 -20.46 11.70 19.85
C MET A 217 -21.24 11.89 21.16
N ALA A 218 -20.85 11.16 22.22
CA ALA A 218 -21.45 11.24 23.56
C ALA A 218 -21.34 12.66 24.15
N GLU A 219 -20.27 13.39 23.78
CA GLU A 219 -20.00 14.77 24.20
C GLU A 219 -20.99 15.77 23.60
N GLN A 220 -21.70 15.39 22.51
CA GLN A 220 -22.67 16.28 21.85
C GLN A 220 -24.02 16.28 22.58
N LEU A 221 -24.26 15.31 23.48
CA LEU A 221 -25.49 15.20 24.27
C LEU A 221 -25.20 15.59 25.71
N ALA A 222 -25.85 16.68 26.20
CA ALA A 222 -25.66 17.21 27.55
C ALA A 222 -25.73 16.13 28.65
N TRP A 223 -26.78 15.26 28.66
CA TRP A 223 -26.96 14.23 29.69
C TRP A 223 -25.87 13.12 29.64
N LEU A 224 -25.20 12.92 28.50
CA LEU A 224 -24.12 11.93 28.43
C LEU A 224 -22.77 12.59 28.74
N ARG A 225 -22.62 13.88 28.38
CA ARG A 225 -21.40 14.67 28.59
C ARG A 225 -21.11 14.83 30.10
N VAL A 226 -22.16 15.00 30.93
CA VAL A 226 -22.04 15.18 32.38
C VAL A 226 -21.59 13.86 33.09
N LEU A 227 -21.75 12.70 32.42
CA LEU A 227 -21.39 11.37 32.98
C LEU A 227 -19.88 11.09 32.93
N ARG A 228 -19.11 11.92 32.18
CA ARG A 228 -17.65 11.82 31.97
C ARG A 228 -17.27 10.37 31.55
N LEU A 229 -17.96 9.85 30.53
CA LEU A 229 -17.80 8.48 30.07
C LEU A 229 -16.41 8.18 29.53
N ASP A 230 -16.00 6.92 29.72
CA ASP A 230 -14.75 6.35 29.23
C ASP A 230 -15.10 5.28 28.20
N LYS A 231 -14.08 4.60 27.67
CA LYS A 231 -14.25 3.57 26.66
C LYS A 231 -15.06 2.35 27.16
N ARG A 232 -15.10 2.13 28.48
CA ARG A 232 -15.85 1.06 29.09
C ARG A 232 -17.27 1.48 29.38
N SER A 233 -17.48 2.66 29.95
CA SER A 233 -18.81 3.12 30.34
C SER A 233 -19.65 3.60 29.12
N VAL A 234 -19.02 3.93 28.00
CA VAL A 234 -19.76 4.39 26.83
C VAL A 234 -20.57 3.22 26.17
N VAL A 235 -20.12 1.94 26.38
CA VAL A 235 -20.67 0.75 25.74
C VAL A 235 -22.22 0.63 25.94
N LYS A 236 -22.73 0.86 27.15
CA LYS A 236 -24.18 0.78 27.42
C LYS A 236 -24.98 1.94 26.79
N HIS A 237 -24.31 2.98 26.31
CA HIS A 237 -25.02 4.11 25.69
C HIS A 237 -24.94 4.03 24.14
N ILE A 238 -24.37 2.93 23.58
CA ILE A 238 -24.18 2.76 22.12
C ILE A 238 -25.54 2.75 21.40
N GLY A 239 -26.51 2.02 21.95
CA GLY A 239 -27.86 1.98 21.40
C GLY A 239 -28.46 3.35 21.21
N ASP A 240 -28.34 4.22 22.24
CA ASP A 240 -28.78 5.62 22.24
C ASP A 240 -28.03 6.42 21.20
N LEU A 241 -26.68 6.28 21.17
CA LEU A 241 -25.77 7.00 20.28
C LEU A 241 -26.02 6.68 18.83
N LEU A 242 -26.39 5.43 18.53
CA LEU A 242 -26.63 4.98 17.15
C LEU A 242 -28.00 5.46 16.67
N GLN A 243 -28.96 5.62 17.60
CA GLN A 243 -30.30 6.09 17.33
C GLN A 243 -30.26 7.52 16.74
N HIS A 244 -29.29 8.33 17.19
CA HIS A 244 -29.12 9.71 16.77
C HIS A 244 -27.77 9.94 16.06
N ARG A 245 -27.20 8.89 15.41
CA ARG A 245 -25.89 8.90 14.74
C ARG A 245 -25.76 9.99 13.66
N GLN A 246 -26.76 10.18 12.77
CA GLN A 246 -26.71 11.21 11.72
C GLN A 246 -26.56 12.60 12.35
N SER A 247 -27.41 12.94 13.35
CA SER A 247 -27.41 14.22 14.06
C SER A 247 -26.10 14.44 14.83
N LEU A 248 -25.66 13.42 15.62
CA LEU A 248 -24.45 13.51 16.45
C LEU A 248 -23.16 13.63 15.65
N VAL A 249 -23.07 13.00 14.45
CA VAL A 249 -21.90 13.05 13.57
C VAL A 249 -21.83 14.47 12.95
N ARG A 250 -22.98 15.02 12.48
CA ARG A 250 -23.08 16.39 11.95
C ARG A 250 -22.63 17.42 13.01
N SER A 251 -23.06 17.21 14.27
CA SER A 251 -22.75 18.04 15.44
C SER A 251 -21.26 17.96 15.83
N ALA A 252 -20.65 16.77 15.72
CA ALA A 252 -19.24 16.51 16.07
C ALA A 252 -18.27 17.14 15.04
N PHE A 253 -18.65 17.16 13.74
CA PHE A 253 -17.86 17.78 12.66
C PHE A 253 -17.94 19.31 12.73
N ARG A 254 -19.11 19.84 13.15
CA ARG A 254 -19.43 21.27 13.31
C ARG A 254 -18.53 21.94 14.36
N ASP A 255 -18.29 21.26 15.50
CA ASP A 255 -17.44 21.77 16.58
C ASP A 255 -15.96 21.48 16.30
N LEU A 297 -11.66 19.15 13.39
CA LEU A 297 -11.14 18.34 14.48
C LEU A 297 -11.35 16.82 14.24
N LEU A 298 -12.51 16.40 13.65
CA LEU A 298 -12.76 14.98 13.33
C LEU A 298 -12.10 14.68 12.00
N LEU A 299 -10.98 13.96 12.09
CA LEU A 299 -10.09 13.67 10.99
C LEU A 299 -9.64 12.22 10.97
N PRO A 300 -9.09 11.72 9.83
CA PRO A 300 -8.54 10.33 9.81
C PRO A 300 -7.52 10.11 10.93
N PRO A 301 -7.52 8.94 11.58
CA PRO A 301 -6.59 8.73 12.71
C PRO A 301 -5.10 9.00 12.42
N CYS A 302 -4.60 8.74 11.17
CA CYS A 302 -3.18 8.98 10.82
C CYS A 302 -2.81 10.48 10.79
N MET A 303 -3.81 11.39 10.83
CA MET A 303 -3.56 12.84 10.84
C MET A 303 -3.37 13.35 12.25
N LEU A 304 -4.12 12.78 13.22
CA LEU A 304 -4.03 13.12 14.63
C LEU A 304 -2.80 12.45 15.24
N LYS A 305 -1.63 12.99 14.91
CA LYS A 305 -0.34 12.52 15.39
C LYS A 305 0.55 13.72 15.70
N SER A 306 1.41 13.58 16.73
CA SER A 306 2.36 14.60 17.15
C SER A 306 3.31 14.97 16.00
N PRO A 307 3.58 16.29 15.78
CA PRO A 307 4.49 16.70 14.69
C PRO A 307 5.91 16.20 14.93
N LYS A 308 6.59 15.80 13.84
CA LYS A 308 7.94 15.26 13.88
C LYS A 308 8.96 16.38 13.87
N ARG A 309 10.02 16.24 14.69
CA ARG A 309 11.09 17.23 14.81
C ARG A 309 12.33 16.75 14.07
N ILE A 310 12.70 17.47 13.00
CA ILE A 310 13.87 17.18 12.17
C ILE A 310 14.62 18.50 11.86
N CYS A 311 15.95 18.41 11.68
CA CYS A 311 16.83 19.53 11.36
C CYS A 311 17.18 19.59 9.83
N PRO A 312 16.90 18.57 8.97
CA PRO A 312 17.25 18.70 7.56
C PRO A 312 16.08 19.22 6.69
N VAL A 313 14.99 19.77 7.32
CA VAL A 313 13.82 20.34 6.63
C VAL A 313 14.28 21.36 5.53
N PRO A 314 15.21 22.33 5.81
CA PRO A 314 15.62 23.26 4.73
C PRO A 314 16.16 22.53 3.49
N PRO A 315 15.61 22.81 2.28
CA PRO A 315 16.05 22.10 1.08
C PRO A 315 17.08 22.87 0.23
N VAL A 316 17.65 23.96 0.77
CA VAL A 316 18.61 24.83 0.07
C VAL A 316 19.89 24.06 -0.26
N SER A 317 20.26 24.11 -1.54
CA SER A 317 21.45 23.52 -2.12
C SER A 317 22.05 24.51 -3.11
N THR A 318 23.38 24.47 -3.29
CA THR A 318 24.08 25.37 -4.22
C THR A 318 24.82 24.55 -5.29
N VAL A 319 24.54 23.22 -5.34
CA VAL A 319 25.13 22.25 -6.27
C VAL A 319 24.67 22.54 -7.71
N THR A 320 25.64 22.64 -8.63
CA THR A 320 25.45 22.90 -10.07
C THR A 320 25.64 21.63 -10.91
N GLY A 321 26.34 20.63 -10.34
CA GLY A 321 26.69 19.36 -10.95
C GLY A 321 28.01 19.38 -11.70
N ASP A 322 28.56 20.61 -11.94
CA ASP A 322 29.76 20.91 -12.70
C ASP A 322 30.99 21.26 -11.84
N GLU A 323 30.91 21.13 -10.50
CA GLU A 323 32.03 21.49 -9.62
C GLU A 323 33.22 20.55 -9.75
N ASN A 324 34.42 21.04 -9.42
CA ASN A 324 35.66 20.26 -9.46
C ASN A 324 35.59 19.09 -8.47
N ILE A 325 36.17 17.95 -8.85
CA ILE A 325 36.24 16.77 -8.00
C ILE A 325 37.72 16.59 -7.73
N SER A 326 38.15 16.95 -6.52
CA SER A 326 39.55 16.86 -6.12
C SER A 326 39.97 15.39 -5.95
N ASP A 327 41.29 15.12 -6.08
CA ASP A 327 41.88 13.78 -5.92
C ASP A 327 41.67 13.25 -4.50
N SER A 328 41.79 14.15 -3.49
CA SER A 328 41.65 13.86 -2.06
C SER A 328 40.22 13.40 -1.72
N GLU A 329 39.24 13.99 -2.40
CA GLU A 329 37.84 13.64 -2.26
C GLU A 329 37.62 12.20 -2.74
N ILE A 330 38.29 11.77 -3.82
CA ILE A 330 38.12 10.42 -4.36
C ILE A 330 38.95 9.38 -3.58
N GLU A 331 40.22 9.69 -3.22
CA GLU A 331 41.15 8.78 -2.54
C GLU A 331 40.58 8.19 -1.22
N GLN A 332 39.65 8.90 -0.55
CA GLN A 332 39.04 8.38 0.69
C GLN A 332 38.15 7.14 0.45
N TYR A 333 37.81 6.84 -0.82
CA TYR A 333 36.93 5.72 -1.16
C TYR A 333 37.69 4.50 -1.63
N LEU A 334 39.03 4.62 -1.69
CA LEU A 334 39.94 3.58 -2.15
C LEU A 334 40.64 2.93 -1.01
N ARG A 335 40.87 1.63 -1.11
CA ARG A 335 41.64 0.93 -0.09
C ARG A 335 43.12 1.23 -0.31
N THR A 336 43.90 1.27 0.78
CA THR A 336 45.34 1.49 0.73
C THR A 336 46.00 0.16 0.35
N PRO A 337 47.29 0.12 -0.10
CA PRO A 337 47.88 -1.19 -0.44
C PRO A 337 47.87 -2.16 0.74
N GLN A 338 47.95 -1.64 1.99
CA GLN A 338 47.91 -2.46 3.19
C GLN A 338 46.52 -3.04 3.40
N GLU A 339 45.45 -2.25 3.21
CA GLU A 339 44.07 -2.77 3.36
C GLU A 339 43.80 -3.87 2.33
N VAL A 340 44.22 -3.67 1.08
CA VAL A 340 44.10 -4.63 -0.03
C VAL A 340 44.81 -5.94 0.37
N ARG A 341 46.03 -5.86 0.93
CA ARG A 341 46.82 -7.01 1.38
C ARG A 341 46.19 -7.74 2.58
N ASP A 342 45.66 -7.01 3.57
CA ASP A 342 45.02 -7.65 4.74
C ASP A 342 43.73 -8.35 4.32
N PHE A 343 42.98 -7.74 3.37
CA PHE A 343 41.75 -8.28 2.82
C PHE A 343 42.03 -9.53 1.98
N GLN A 344 43.05 -9.49 1.07
CA GLN A 344 43.46 -10.61 0.22
C GLN A 344 43.87 -11.83 1.05
N ARG A 345 44.62 -11.63 2.14
CA ARG A 345 45.05 -12.70 3.05
C ARG A 345 43.82 -13.38 3.68
N ALA A 346 42.84 -12.57 4.09
CA ALA A 346 41.59 -12.97 4.74
C ALA A 346 40.68 -13.79 3.81
N GLN A 347 40.77 -13.56 2.48
CA GLN A 347 39.98 -14.26 1.48
C GLN A 347 40.71 -15.48 0.91
N ALA A 348 42.04 -15.57 1.15
CA ALA A 348 42.89 -16.67 0.71
C ALA A 348 42.78 -17.87 1.67
N ALA A 349 42.24 -17.65 2.88
CA ALA A 349 42.04 -18.69 3.88
C ALA A 349 40.53 -19.01 4.06
N ARG A 350 39.64 -18.25 3.38
CA ARG A 350 38.17 -18.41 3.41
C ARG A 350 37.74 -19.79 2.90
N GLN A 351 38.57 -20.42 2.05
CA GLN A 351 38.33 -21.75 1.50
C GLN A 351 39.33 -22.76 2.07
N ALA A 352 38.80 -23.88 2.63
CA ALA A 352 39.49 -25.02 3.24
C ALA A 352 40.50 -24.57 4.33
N PRO B 2 -2.68 29.40 -8.28
CA PRO B 2 -1.92 28.22 -7.83
C PRO B 2 -2.20 27.88 -6.37
N SER B 3 -1.78 26.66 -5.96
CA SER B 3 -1.95 26.10 -4.62
C SER B 3 -1.09 26.81 -3.57
N GLY B 4 0.11 27.24 -3.96
CA GLY B 4 1.08 27.82 -3.04
C GLY B 4 1.84 26.73 -2.32
N ILE B 5 1.82 25.50 -2.87
CA ILE B 5 2.49 24.32 -2.33
C ILE B 5 3.49 23.84 -3.38
N VAL B 6 4.78 23.75 -3.01
CA VAL B 6 5.82 23.29 -3.94
C VAL B 6 6.22 21.85 -3.56
N PRO B 7 5.97 20.82 -4.42
CA PRO B 7 6.43 19.45 -4.09
C PRO B 7 7.96 19.35 -3.98
N GLN B 8 8.44 18.70 -2.90
CA GLN B 8 9.87 18.51 -2.60
C GLN B 8 10.40 17.26 -3.28
N LEU B 9 11.55 17.36 -3.95
CA LEU B 9 12.18 16.21 -4.60
C LEU B 9 12.80 15.32 -3.53
N GLN B 10 12.51 14.03 -3.61
CA GLN B 10 12.93 13.05 -2.60
C GLN B 10 13.94 12.07 -3.10
N ASN B 11 13.91 11.79 -4.41
CA ASN B 11 14.75 10.80 -5.04
C ASN B 11 14.90 11.07 -6.52
N ILE B 12 16.12 10.90 -7.04
CA ILE B 12 16.51 11.03 -8.45
C ILE B 12 17.24 9.75 -8.86
N VAL B 13 16.81 9.13 -9.97
CA VAL B 13 17.47 7.94 -10.53
C VAL B 13 18.07 8.36 -11.85
N SER B 14 19.38 8.21 -12.00
CA SER B 14 20.06 8.56 -13.24
C SER B 14 20.92 7.38 -13.71
N THR B 15 21.27 7.38 -14.98
CA THR B 15 22.11 6.36 -15.59
C THR B 15 23.25 7.04 -16.33
N VAL B 16 24.35 6.28 -16.55
CA VAL B 16 25.52 6.74 -17.28
C VAL B 16 26.32 5.53 -17.74
N ASN B 17 26.98 5.66 -18.88
CA ASN B 17 27.82 4.62 -19.48
C ASN B 17 29.26 5.02 -19.28
N LEU B 18 30.05 4.17 -18.60
CA LEU B 18 31.46 4.49 -18.35
C LEU B 18 32.32 4.16 -19.56
N GLY B 19 31.71 3.61 -20.60
CA GLY B 19 32.34 3.34 -21.89
C GLY B 19 33.44 2.32 -21.96
N CYS B 20 33.57 1.50 -20.92
CA CYS B 20 34.56 0.43 -20.87
C CYS B 20 34.05 -0.72 -20.00
N LYS B 21 34.54 -1.94 -20.28
CA LYS B 21 34.22 -3.14 -19.52
C LYS B 21 34.93 -3.09 -18.17
N LEU B 22 34.26 -3.54 -17.10
CA LEU B 22 34.84 -3.48 -15.77
C LEU B 22 34.92 -4.83 -15.08
N ASP B 23 36.04 -5.06 -14.35
CA ASP B 23 36.24 -6.25 -13.52
C ASP B 23 35.73 -5.92 -12.10
N LEU B 24 34.50 -6.35 -11.80
CA LEU B 24 33.78 -6.11 -10.54
C LEU B 24 34.49 -6.69 -9.32
N LYS B 25 35.20 -7.84 -9.47
CA LYS B 25 36.02 -8.43 -8.39
C LYS B 25 37.14 -7.45 -7.95
N THR B 26 37.79 -6.77 -8.92
CA THR B 26 38.85 -5.78 -8.73
C THR B 26 38.28 -4.53 -8.02
N ILE B 27 37.11 -4.03 -8.45
CA ILE B 27 36.45 -2.88 -7.83
C ILE B 27 36.09 -3.23 -6.37
N ALA B 28 35.44 -4.40 -6.14
CA ALA B 28 35.03 -4.86 -4.80
C ALA B 28 36.21 -5.01 -3.85
N LEU B 29 37.38 -5.42 -4.37
CA LEU B 29 38.59 -5.62 -3.60
C LEU B 29 39.35 -4.32 -3.30
N ARG B 30 39.42 -3.40 -4.25
CA ARG B 30 40.27 -2.23 -4.13
C ARG B 30 39.51 -0.96 -3.69
N ALA B 31 38.16 -1.00 -3.64
CA ALA B 31 37.37 0.14 -3.12
C ALA B 31 36.87 -0.15 -1.68
N ARG B 32 36.72 0.92 -0.85
CA ARG B 32 36.22 0.80 0.53
C ARG B 32 34.70 0.77 0.60
N ASN B 33 34.06 1.49 -0.32
CA ASN B 33 32.64 1.73 -0.36
C ASN B 33 31.84 0.78 -1.31
N ALA B 34 32.42 -0.38 -1.65
CA ALA B 34 31.85 -1.35 -2.59
C ALA B 34 31.35 -2.60 -1.90
N GLU B 35 30.14 -3.00 -2.26
CA GLU B 35 29.44 -4.19 -1.82
C GLU B 35 29.21 -5.05 -3.05
N TYR B 36 29.67 -6.29 -3.01
CA TYR B 36 29.57 -7.17 -4.15
C TYR B 36 29.29 -8.57 -3.69
N ASN B 37 28.12 -9.07 -4.06
CA ASN B 37 27.65 -10.43 -3.78
C ASN B 37 27.09 -10.98 -5.11
N PRO B 38 27.97 -11.42 -6.04
CA PRO B 38 27.51 -11.84 -7.38
C PRO B 38 26.44 -12.94 -7.43
N LYS B 39 26.30 -13.76 -6.35
CA LYS B 39 25.27 -14.79 -6.29
C LYS B 39 23.91 -14.17 -5.97
N ARG B 40 23.88 -13.01 -5.30
CA ARG B 40 22.64 -12.33 -4.96
C ARG B 40 22.25 -11.38 -6.08
N PHE B 41 23.18 -10.52 -6.48
CA PHE B 41 22.99 -9.51 -7.52
C PHE B 41 24.30 -9.27 -8.25
N ALA B 42 24.20 -9.19 -9.60
CA ALA B 42 25.30 -9.10 -10.55
C ALA B 42 26.12 -7.80 -10.51
N ALA B 43 25.66 -6.75 -9.87
CA ALA B 43 26.41 -5.50 -9.87
C ALA B 43 27.09 -5.20 -8.55
N VAL B 44 28.11 -4.31 -8.60
CA VAL B 44 28.76 -3.73 -7.44
C VAL B 44 27.85 -2.59 -6.90
N ILE B 45 27.58 -2.60 -5.62
CA ILE B 45 26.80 -1.58 -4.94
C ILE B 45 27.84 -0.63 -4.32
N MET B 46 27.83 0.63 -4.74
CA MET B 46 28.81 1.57 -4.21
C MET B 46 28.11 2.75 -3.58
N ARG B 47 28.69 3.29 -2.50
CA ARG B 47 28.10 4.43 -1.81
C ARG B 47 29.12 5.52 -1.58
N ILE B 48 28.73 6.79 -1.79
CA ILE B 48 29.57 7.96 -1.49
C ILE B 48 28.77 8.78 -0.49
N ARG B 49 29.47 9.51 0.38
CA ARG B 49 28.84 10.28 1.44
C ARG B 49 28.28 11.62 0.99
N GLU B 50 28.87 12.21 -0.07
CA GLU B 50 28.42 13.51 -0.52
C GLU B 50 28.53 13.68 -2.06
N PRO B 51 27.39 13.91 -2.77
CA PRO B 51 25.99 13.84 -2.28
C PRO B 51 25.68 12.41 -1.84
N ARG B 52 24.92 12.23 -0.74
CA ARG B 52 24.60 10.91 -0.22
C ARG B 52 23.76 10.14 -1.25
N THR B 53 24.38 9.12 -1.86
CA THR B 53 23.80 8.34 -2.96
C THR B 53 24.31 6.92 -2.95
N THR B 54 23.72 6.08 -3.81
CA THR B 54 24.11 4.70 -4.05
C THR B 54 24.20 4.51 -5.57
N ALA B 55 25.20 3.76 -6.02
CA ALA B 55 25.39 3.38 -7.42
C ALA B 55 25.39 1.87 -7.59
N LEU B 56 24.90 1.42 -8.74
CA LEU B 56 24.92 0.03 -9.21
C LEU B 56 25.82 0.01 -10.40
N ILE B 57 26.99 -0.60 -10.25
CA ILE B 57 28.04 -0.64 -11.27
C ILE B 57 28.06 -2.06 -11.86
N PHE B 58 27.85 -2.15 -13.19
CA PHE B 58 27.78 -3.41 -13.90
C PHE B 58 29.08 -3.69 -14.67
N SER B 59 29.39 -4.99 -14.97
CA SER B 59 30.61 -5.39 -15.70
C SER B 59 30.67 -4.80 -17.12
N SER B 60 29.51 -4.44 -17.68
CA SER B 60 29.34 -3.83 -19.00
C SER B 60 29.88 -2.38 -19.05
N GLY B 61 29.99 -1.74 -17.88
CA GLY B 61 30.42 -0.36 -17.77
C GLY B 61 29.24 0.56 -17.53
N LYS B 62 27.98 0.01 -17.57
CA LYS B 62 26.78 0.80 -17.33
C LYS B 62 26.55 0.98 -15.83
N MET B 63 26.03 2.16 -15.45
CA MET B 63 25.85 2.52 -14.05
C MET B 63 24.49 3.16 -13.78
N VAL B 64 23.91 2.87 -12.61
CA VAL B 64 22.65 3.46 -12.13
C VAL B 64 22.99 4.23 -10.84
N CYS B 65 22.58 5.50 -10.74
CA CYS B 65 22.84 6.33 -9.57
C CYS B 65 21.48 6.71 -8.93
N THR B 66 21.28 6.36 -7.63
CA THR B 66 20.03 6.64 -6.90
C THR B 66 20.24 7.47 -5.60
N GLY B 67 19.15 8.04 -5.08
CA GLY B 67 19.11 8.72 -3.78
C GLY B 67 19.31 10.22 -3.74
N ALA B 68 19.83 10.82 -4.81
CA ALA B 68 20.08 12.27 -4.88
C ALA B 68 18.76 13.06 -4.80
N LYS B 69 18.79 14.30 -4.27
CA LYS B 69 17.62 15.14 -4.06
C LYS B 69 17.44 16.22 -5.16
N SER B 70 18.40 16.31 -6.10
CA SER B 70 18.32 17.20 -7.26
C SER B 70 19.06 16.54 -8.42
N GLU B 71 18.69 16.94 -9.65
CA GLU B 71 19.28 16.48 -10.90
C GLU B 71 20.79 16.83 -10.94
N GLU B 72 21.16 17.96 -10.33
CA GLU B 72 22.54 18.47 -10.22
C GLU B 72 23.36 17.59 -9.27
N GLN B 73 22.77 17.22 -8.13
CA GLN B 73 23.36 16.33 -7.15
C GLN B 73 23.57 14.96 -7.74
N SER B 74 22.61 14.49 -8.56
CA SER B 74 22.68 13.19 -9.22
C SER B 74 23.84 13.14 -10.20
N ARG B 75 24.05 14.24 -10.99
CA ARG B 75 25.13 14.37 -11.97
C ARG B 75 26.48 14.41 -11.27
N LEU B 76 26.58 15.20 -10.16
CA LEU B 76 27.80 15.32 -9.36
C LEU B 76 28.21 13.98 -8.77
N ALA B 77 27.24 13.23 -8.20
CA ALA B 77 27.46 11.92 -7.62
C ALA B 77 27.93 10.92 -8.68
N ALA B 78 27.21 10.80 -9.82
CA ALA B 78 27.54 9.91 -10.94
C ALA B 78 28.98 10.18 -11.47
N ARG B 79 29.38 11.46 -11.44
CA ARG B 79 30.73 11.89 -11.85
C ARG B 79 31.76 11.41 -10.85
N LYS B 80 31.44 11.46 -9.53
CA LYS B 80 32.33 10.98 -8.47
C LYS B 80 32.51 9.45 -8.56
N TYR B 81 31.44 8.68 -8.82
CA TYR B 81 31.55 7.23 -9.00
C TYR B 81 32.44 6.90 -10.19
N ALA B 82 32.30 7.67 -11.30
CA ALA B 82 33.10 7.53 -12.51
C ALA B 82 34.59 7.73 -12.18
N ARG B 83 34.91 8.74 -11.33
CA ARG B 83 36.25 9.06 -10.88
C ARG B 83 36.83 7.98 -9.99
N VAL B 84 36.00 7.31 -9.16
CA VAL B 84 36.43 6.21 -8.29
C VAL B 84 36.87 5.03 -9.18
N VAL B 85 36.04 4.68 -10.19
CA VAL B 85 36.32 3.64 -11.20
C VAL B 85 37.63 3.99 -11.96
N GLN B 86 37.85 5.28 -12.33
CA GLN B 86 39.07 5.71 -13.04
C GLN B 86 40.33 5.44 -12.21
N LYS B 87 40.34 5.86 -10.93
CA LYS B 87 41.47 5.64 -10.01
C LYS B 87 41.70 4.15 -9.69
N LEU B 88 40.72 3.28 -9.93
CA LEU B 88 40.88 1.83 -9.70
C LEU B 88 41.62 1.17 -10.89
N GLY B 89 41.87 1.95 -11.95
CA GLY B 89 42.62 1.51 -13.12
C GLY B 89 41.85 1.25 -14.40
N PHE B 90 40.56 1.64 -14.44
CA PHE B 90 39.74 1.44 -15.64
C PHE B 90 39.66 2.73 -16.46
N PRO B 91 39.69 2.65 -17.81
CA PRO B 91 39.63 3.89 -18.61
C PRO B 91 38.18 4.38 -18.74
N ALA B 92 37.62 4.82 -17.60
CA ALA B 92 36.24 5.27 -17.50
C ALA B 92 36.01 6.66 -18.09
N LYS B 93 34.87 6.80 -18.78
CA LYS B 93 34.36 8.02 -19.41
C LYS B 93 32.99 8.32 -18.82
N PHE B 94 32.40 9.48 -19.13
CA PHE B 94 31.10 9.89 -18.62
C PHE B 94 30.18 10.10 -19.83
N LEU B 95 29.59 9.00 -20.29
CA LEU B 95 28.79 8.99 -21.50
C LEU B 95 27.30 8.78 -21.28
N ASP B 96 26.51 9.59 -21.97
CA ASP B 96 25.06 9.53 -22.04
C ASP B 96 24.40 9.63 -20.65
N PHE B 97 24.89 10.57 -19.78
CA PHE B 97 24.23 10.85 -18.52
C PHE B 97 22.78 11.22 -18.79
N LYS B 98 21.87 10.55 -18.09
CA LYS B 98 20.44 10.76 -18.28
C LYS B 98 19.68 10.55 -16.98
N ILE B 99 18.74 11.47 -16.67
CA ILE B 99 17.83 11.33 -15.54
C ILE B 99 16.73 10.35 -15.97
N GLN B 100 16.53 9.27 -15.21
CA GLN B 100 15.55 8.26 -15.59
C GLN B 100 14.21 8.39 -14.85
N ASN B 101 14.25 8.85 -13.59
CA ASN B 101 13.10 8.95 -12.72
C ASN B 101 13.31 10.00 -11.65
N MET B 102 12.22 10.68 -11.29
CA MET B 102 12.17 11.73 -10.27
C MET B 102 10.95 11.53 -9.38
N VAL B 103 11.17 11.54 -8.08
CA VAL B 103 10.12 11.36 -7.07
C VAL B 103 9.96 12.68 -6.28
N GLY B 104 8.73 13.17 -6.21
CA GLY B 104 8.39 14.37 -5.45
C GLY B 104 7.38 14.03 -4.38
N SER B 105 7.24 14.89 -3.34
CA SER B 105 6.23 14.67 -2.31
C SER B 105 5.80 15.98 -1.70
N CYS B 106 4.55 16.03 -1.22
CA CYS B 106 3.97 17.22 -0.59
C CYS B 106 2.73 16.85 0.23
N ASP B 107 2.07 17.88 0.81
CA ASP B 107 0.90 17.77 1.67
C ASP B 107 -0.11 18.88 1.36
N VAL B 108 -1.36 18.51 1.05
CA VAL B 108 -2.44 19.48 0.79
C VAL B 108 -3.08 19.97 2.12
N LYS B 109 -2.75 19.31 3.26
CA LYS B 109 -3.13 19.61 4.66
C LYS B 109 -4.67 19.53 4.95
N PHE B 110 -5.38 18.72 4.18
CA PHE B 110 -6.79 18.41 4.40
C PHE B 110 -7.01 16.92 4.04
N PRO B 111 -7.99 16.24 4.68
CA PRO B 111 -8.18 14.81 4.41
C PRO B 111 -8.87 14.54 3.07
N ILE B 112 -8.58 13.37 2.46
CA ILE B 112 -9.11 12.98 1.16
C ILE B 112 -10.01 11.76 1.24
N ARG B 113 -11.27 11.91 0.78
CA ARG B 113 -12.21 10.77 0.69
C ARG B 113 -11.78 9.96 -0.51
N LEU B 114 -10.84 9.00 -0.32
CA LEU B 114 -10.31 8.16 -1.42
C LEU B 114 -11.43 7.35 -2.10
N GLU B 115 -12.44 6.93 -1.32
CA GLU B 115 -13.62 6.18 -1.79
C GLU B 115 -14.50 7.03 -2.76
N GLY B 116 -14.46 8.37 -2.60
CA GLY B 116 -15.17 9.29 -3.47
C GLY B 116 -14.38 9.61 -4.73
N LEU B 117 -13.05 9.82 -4.58
CA LEU B 117 -12.16 10.16 -5.68
C LEU B 117 -12.08 9.02 -6.70
N VAL B 118 -12.12 7.77 -6.22
CA VAL B 118 -12.06 6.59 -7.10
C VAL B 118 -13.36 6.49 -7.93
N LEU B 119 -14.46 7.15 -7.50
CA LEU B 119 -15.72 7.15 -8.23
C LEU B 119 -15.80 8.31 -9.25
N THR B 120 -15.37 9.51 -8.84
CA THR B 120 -15.42 10.71 -9.67
C THR B 120 -14.33 10.70 -10.77
N HIS B 121 -13.11 10.19 -10.44
CA HIS B 121 -11.98 10.15 -11.36
C HIS B 121 -11.56 8.73 -11.62
N GLN B 122 -12.56 7.87 -11.81
CA GLN B 122 -12.43 6.45 -12.04
C GLN B 122 -11.42 6.10 -13.13
N GLN B 123 -11.48 6.75 -14.31
CA GLN B 123 -10.60 6.42 -15.44
C GLN B 123 -9.07 6.57 -15.15
N PHE B 124 -8.70 7.32 -14.11
CA PHE B 124 -7.31 7.54 -13.71
C PHE B 124 -6.93 6.84 -12.43
N SER B 125 -7.94 6.44 -11.64
CA SER B 125 -7.78 5.95 -10.26
C SER B 125 -7.89 4.46 -10.04
N SER B 126 -7.02 3.97 -9.16
CA SER B 126 -7.02 2.60 -8.64
C SER B 126 -6.85 2.68 -7.10
N TYR B 127 -7.89 2.28 -6.37
CA TYR B 127 -7.88 2.27 -4.92
C TYR B 127 -8.39 0.91 -4.41
N GLU B 128 -7.48 0.11 -3.85
CA GLU B 128 -7.79 -1.20 -3.30
C GLU B 128 -7.25 -1.29 -1.85
N PRO B 129 -8.02 -0.81 -0.85
CA PRO B 129 -7.50 -0.80 0.54
C PRO B 129 -7.11 -2.17 1.10
N GLU B 130 -7.60 -3.28 0.53
CA GLU B 130 -7.18 -4.65 0.91
C GLU B 130 -5.69 -4.88 0.54
N LEU B 131 -5.15 -4.08 -0.42
CA LEU B 131 -3.78 -4.19 -0.91
C LEU B 131 -2.82 -3.03 -0.50
N PHE B 132 -3.30 -1.77 -0.49
CA PHE B 132 -2.45 -0.62 -0.18
C PHE B 132 -3.31 0.60 0.22
N PRO B 133 -2.89 1.46 1.19
CA PRO B 133 -3.78 2.55 1.67
C PRO B 133 -3.97 3.72 0.72
N GLY B 134 -3.11 3.84 -0.28
CA GLY B 134 -3.20 4.96 -1.21
C GLY B 134 -3.93 4.71 -2.50
N LEU B 135 -4.54 5.76 -3.01
CA LEU B 135 -5.14 5.72 -4.32
C LEU B 135 -4.00 6.02 -5.34
N ILE B 136 -3.87 5.12 -6.32
CA ILE B 136 -2.89 5.20 -7.41
C ILE B 136 -3.57 5.98 -8.55
N TYR B 137 -3.12 7.20 -8.78
CA TYR B 137 -3.68 8.07 -9.82
C TYR B 137 -2.70 8.15 -11.00
N ARG B 138 -3.13 7.65 -12.18
CA ARG B 138 -2.29 7.66 -13.37
C ARG B 138 -2.68 8.83 -14.26
N MET B 139 -2.01 9.97 -14.05
CA MET B 139 -2.24 11.19 -14.83
C MET B 139 -1.61 10.98 -16.19
N ILE B 140 -2.35 11.33 -17.25
CA ILE B 140 -1.92 11.15 -18.64
C ILE B 140 -1.10 12.35 -19.08
N LYS B 141 -1.51 13.56 -18.66
CA LYS B 141 -0.78 14.77 -19.01
C LYS B 141 -0.47 15.64 -17.77
N PRO B 142 0.80 15.64 -17.30
CA PRO B 142 1.95 14.84 -17.78
C PRO B 142 1.82 13.36 -17.35
N ARG B 143 2.58 12.45 -17.97
CA ARG B 143 2.55 11.02 -17.65
C ARG B 143 3.21 10.79 -16.28
N ILE B 144 2.43 10.99 -15.20
CA ILE B 144 2.88 10.88 -13.81
C ILE B 144 1.93 10.01 -13.00
N VAL B 145 2.52 9.19 -12.13
CA VAL B 145 1.78 8.38 -11.19
C VAL B 145 1.81 9.13 -9.87
N LEU B 146 0.65 9.32 -9.26
CA LEU B 146 0.50 9.95 -7.95
C LEU B 146 -0.08 8.95 -6.96
N LEU B 147 0.44 8.94 -5.75
CA LEU B 147 -0.06 8.10 -4.67
C LEU B 147 -0.67 9.07 -3.69
N ILE B 148 -2.00 8.99 -3.53
CA ILE B 148 -2.81 9.94 -2.75
C ILE B 148 -3.33 9.25 -1.53
N PHE B 149 -3.01 9.81 -0.35
CA PHE B 149 -3.37 9.21 0.92
C PHE B 149 -4.44 10.00 1.59
N VAL B 150 -5.18 9.36 2.52
CA VAL B 150 -6.32 9.93 3.25
C VAL B 150 -5.88 11.20 4.03
N SER B 151 -4.60 11.25 4.40
CA SER B 151 -4.00 12.35 5.16
C SER B 151 -3.83 13.63 4.32
N GLY B 152 -3.91 13.49 2.99
CA GLY B 152 -3.70 14.61 2.08
C GLY B 152 -2.26 14.69 1.61
N LYS B 153 -1.41 13.77 2.07
CA LYS B 153 -0.02 13.64 1.63
C LYS B 153 -0.05 12.94 0.27
N VAL B 154 0.74 13.48 -0.67
CA VAL B 154 0.80 13.03 -2.05
C VAL B 154 2.25 12.68 -2.42
N VAL B 155 2.43 11.56 -3.13
CA VAL B 155 3.70 11.13 -3.70
C VAL B 155 3.55 11.26 -5.22
N LEU B 156 4.51 11.89 -5.89
CA LEU B 156 4.49 12.03 -7.35
C LEU B 156 5.70 11.35 -7.91
N THR B 157 5.53 10.46 -8.88
CA THR B 157 6.68 9.77 -9.46
C THR B 157 6.54 9.51 -10.98
N GLY B 158 7.68 9.22 -11.60
CA GLY B 158 7.76 8.87 -13.01
C GLY B 158 8.30 9.94 -13.91
N ALA B 159 8.64 11.10 -13.33
CA ALA B 159 9.12 12.26 -14.08
C ALA B 159 10.55 12.10 -14.56
N LYS B 160 10.82 12.66 -15.76
CA LYS B 160 12.12 12.73 -16.40
C LYS B 160 12.70 14.13 -16.16
N VAL B 161 11.81 15.12 -15.88
CA VAL B 161 12.14 16.54 -15.62
C VAL B 161 11.26 17.06 -14.47
N ARG B 162 11.85 17.87 -13.59
CA ARG B 162 11.26 18.50 -12.40
C ARG B 162 9.90 19.20 -12.68
N ALA B 163 9.74 19.81 -13.87
CA ALA B 163 8.55 20.53 -14.30
C ALA B 163 7.32 19.61 -14.38
N GLU B 164 7.50 18.30 -14.69
CA GLU B 164 6.42 17.32 -14.76
C GLU B 164 5.84 17.01 -13.34
N ILE B 165 6.67 17.15 -12.30
CA ILE B 165 6.25 16.93 -10.90
C ILE B 165 5.34 18.11 -10.50
N TYR B 166 5.79 19.34 -10.80
CA TYR B 166 5.06 20.57 -10.51
C TYR B 166 3.75 20.65 -11.29
N GLU B 167 3.80 20.30 -12.61
CA GLU B 167 2.65 20.29 -13.52
C GLU B 167 1.56 19.31 -13.04
N ALA B 168 1.97 18.09 -12.63
CA ALA B 168 1.07 17.05 -12.12
C ALA B 168 0.40 17.46 -10.78
N PHE B 169 1.18 18.09 -9.86
CA PHE B 169 0.63 18.52 -8.59
C PHE B 169 -0.33 19.69 -8.78
N GLU B 170 -0.05 20.57 -9.73
CA GLU B 170 -0.94 21.70 -9.96
C GLU B 170 -2.25 21.22 -10.58
N ASN B 171 -2.19 20.17 -11.41
CA ASN B 171 -3.37 19.57 -12.02
C ASN B 171 -4.24 18.84 -10.98
N ILE B 172 -3.59 18.14 -10.02
CA ILE B 172 -4.28 17.35 -9.01
C ILE B 172 -4.91 18.19 -7.88
N TYR B 173 -4.25 19.30 -7.47
CA TYR B 173 -4.72 20.14 -6.38
C TYR B 173 -6.21 20.55 -6.51
N PRO B 174 -6.74 21.10 -7.64
CA PRO B 174 -8.18 21.43 -7.68
C PRO B 174 -9.08 20.19 -7.61
N ILE B 175 -8.60 19.02 -8.08
CA ILE B 175 -9.36 17.77 -8.02
C ILE B 175 -9.54 17.35 -6.55
N LEU B 176 -8.47 17.51 -5.76
CA LEU B 176 -8.45 17.19 -4.34
C LEU B 176 -9.19 18.26 -3.53
N LYS B 177 -9.03 19.54 -3.88
CA LYS B 177 -9.69 20.65 -3.19
C LYS B 177 -11.22 20.65 -3.44
N GLY B 178 -11.63 20.55 -4.71
CA GLY B 178 -13.03 20.51 -5.10
C GLY B 178 -13.68 19.18 -4.82
MG MG E . 15.35 -3.83 -16.33
MG MG F . 8.09 4.42 4.19
#